data_1KGC
#
_entry.id   1KGC
#
_cell.length_a   45.796
_cell.length_b   68.110
_cell.length_c   160.497
_cell.angle_alpha   90.00
_cell.angle_beta   90.00
_cell.angle_gamma   90.00
#
_symmetry.space_group_name_H-M   'P 21 21 21'
#
loop_
_entity.id
_entity.type
_entity.pdbx_description
1 polymer 'T-cell receptor alpha chain'
2 polymer 'T-cell receptor beta chain'
3 water water
#
loop_
_entity_poly.entity_id
_entity_poly.type
_entity_poly.pdbx_seq_one_letter_code
_entity_poly.pdbx_strand_id
1 'polypeptide(L)'
;MKTTQPNSMESNEEEPVHLPCNHSTISGTDYIHWYRQLPSQGPEYVIHGLTSNVNNRMASLAIAEDRKSSTLILHRATLR
DAAVYYCILPLAGGTSYGKLTFGQGTILTVHPNIQNPDPAVYQLRDSKSSDKSVCLFTDFDSQTNVSQSKDSDVYITDKT
VLDMRSMDFKSNSAVAWSNKSDFACANAFNNSIIPEDTFFPSPESS
;
D
2 'polypeptide(L)'
;MGVSQSPRYKVAKRGQDVALRCDPISGHVSLFWYQQALGQGPEFLTYFQNEAQLDKSGLPSDRFFAERPEGSVSTLKIQR
TQQEDSAVYLCASSLGQAYEQYFGPGTRLTVTEDLKNVFPPEVAVFEPSEAEISHTQKATLVCLATGFYPDHVELSWWVN
GKEVHSGVSTDPQPLKEQPALNDSRYCLSSRLRVSATFWQNPRNHFRCQVQFYGLSENDEWTQDRAKPVTQIVSAEAWGR
AD
;
E
#
# COMPACT_ATOMS: atom_id res chain seq x y z
N LYS A 2 8.73 -15.21 20.53
CA LYS A 2 9.21 -15.17 19.13
C LYS A 2 8.52 -16.21 18.25
N THR A 3 8.14 -15.78 17.05
CA THR A 3 7.46 -16.66 16.10
C THR A 3 8.06 -16.45 14.72
N THR A 4 7.86 -17.42 13.84
CA THR A 4 8.33 -17.31 12.47
C THR A 4 7.23 -17.79 11.55
N GLN A 5 7.19 -17.22 10.35
CA GLN A 5 6.17 -17.55 9.35
C GLN A 5 6.83 -17.54 7.99
N PRO A 6 6.23 -18.22 7.01
CA PRO A 6 6.83 -18.22 5.68
C PRO A 6 6.79 -16.77 5.19
N ASN A 7 7.74 -16.38 4.33
CA ASN A 7 7.79 -15.01 3.85
C ASN A 7 6.56 -14.58 3.09
N SER A 8 6.02 -15.48 2.27
CA SER A 8 4.86 -15.17 1.47
C SER A 8 4.04 -16.42 1.18
N MET A 9 2.84 -16.21 0.65
CA MET A 9 1.95 -17.30 0.30
C MET A 9 1.00 -16.84 -0.78
N GLU A 10 0.66 -17.74 -1.70
CA GLU A 10 -0.24 -17.42 -2.79
C GLU A 10 -1.50 -18.27 -2.67
N SER A 11 -2.64 -17.70 -3.01
CA SER A 11 -3.90 -18.42 -2.97
C SER A 11 -4.83 -17.85 -4.03
N ASN A 12 -5.83 -18.63 -4.42
CA ASN A 12 -6.80 -18.17 -5.42
C ASN A 12 -8.08 -17.78 -4.69
N GLU A 13 -8.81 -16.83 -5.26
CA GLU A 13 -10.05 -16.39 -4.64
C GLU A 13 -10.98 -17.59 -4.42
N GLU A 14 -11.75 -17.54 -3.34
CA GLU A 14 -12.70 -18.60 -2.98
C GLU A 14 -12.09 -19.81 -2.28
N GLU A 15 -10.77 -19.96 -2.36
CA GLU A 15 -10.11 -21.08 -1.71
C GLU A 15 -9.88 -20.80 -0.23
N PRO A 16 -9.83 -21.86 0.59
CA PRO A 16 -9.57 -21.60 2.02
C PRO A 16 -8.06 -21.39 2.06
N VAL A 17 -7.57 -20.71 3.08
CA VAL A 17 -6.14 -20.45 3.19
C VAL A 17 -5.64 -20.82 4.58
N HIS A 18 -4.56 -21.57 4.64
CA HIS A 18 -3.97 -21.96 5.91
C HIS A 18 -2.62 -21.25 6.05
N LEU A 19 -2.56 -20.27 6.95
CA LEU A 19 -1.33 -19.51 7.19
C LEU A 19 -0.66 -20.08 8.44
N PRO A 20 0.49 -20.75 8.27
CA PRO A 20 1.23 -21.36 9.39
C PRO A 20 2.16 -20.45 10.19
N CYS A 21 2.38 -20.85 11.43
CA CYS A 21 3.23 -20.10 12.34
C CYS A 21 4.01 -21.07 13.24
N ASN A 22 5.32 -20.83 13.38
CA ASN A 22 6.16 -21.65 14.24
C ASN A 22 6.49 -20.87 15.50
N HIS A 23 6.59 -21.58 16.62
CA HIS A 23 6.94 -20.94 17.89
C HIS A 23 7.37 -21.99 18.91
N SER A 24 8.08 -21.55 19.95
CA SER A 24 8.51 -22.46 20.99
C SER A 24 7.24 -22.97 21.67
N THR A 25 7.33 -24.10 22.35
CA THR A 25 6.17 -24.67 23.03
C THR A 25 5.51 -23.63 23.93
N ILE A 26 4.23 -23.36 23.68
CA ILE A 26 3.50 -22.39 24.49
C ILE A 26 2.62 -23.09 25.52
N SER A 27 2.56 -22.53 26.72
CA SER A 27 1.77 -23.10 27.80
C SER A 27 0.28 -23.07 27.50
N GLY A 28 -0.49 -23.84 28.25
CA GLY A 28 -1.92 -23.89 28.05
C GLY A 28 -2.61 -22.59 28.42
N THR A 29 -1.84 -21.64 28.94
CA THR A 29 -2.39 -20.35 29.31
C THR A 29 -1.92 -19.23 28.39
N ASP A 30 -1.02 -19.54 27.45
CA ASP A 30 -0.53 -18.55 26.50
C ASP A 30 -1.48 -18.42 25.31
N TYR A 31 -1.66 -17.19 24.81
CA TYR A 31 -2.53 -16.94 23.67
C TYR A 31 -1.75 -16.63 22.40
N ILE A 32 -2.33 -16.98 21.27
CA ILE A 32 -1.75 -16.68 19.96
C ILE A 32 -2.67 -15.63 19.36
N HIS A 33 -2.09 -14.54 18.85
CA HIS A 33 -2.88 -13.47 18.24
C HIS A 33 -2.50 -13.33 16.77
N TRP A 34 -3.50 -12.97 15.95
CA TRP A 34 -3.26 -12.72 14.54
C TRP A 34 -3.81 -11.36 14.16
N TYR A 35 -2.97 -10.56 13.49
CA TYR A 35 -3.36 -9.25 13.01
C TYR A 35 -3.01 -9.24 11.52
N ARG A 36 -3.63 -8.35 10.77
CA ARG A 36 -3.29 -8.28 9.36
C ARG A 36 -3.15 -6.81 9.00
N GLN A 37 -2.52 -6.54 7.87
CA GLN A 37 -2.35 -5.16 7.45
C GLN A 37 -2.52 -5.07 5.94
N LEU A 38 -3.60 -4.42 5.52
CA LEU A 38 -3.86 -4.23 4.10
C LEU A 38 -2.96 -3.12 3.58
N PRO A 39 -2.75 -3.06 2.26
CA PRO A 39 -1.91 -2.04 1.64
C PRO A 39 -2.21 -0.60 2.08
N SER A 40 -1.16 0.10 2.54
CA SER A 40 -1.23 1.48 2.99
C SER A 40 -2.23 1.75 4.13
N GLN A 41 -2.57 0.70 4.87
CA GLN A 41 -3.49 0.85 5.99
C GLN A 41 -2.77 0.45 7.26
N GLY A 42 -3.35 0.80 8.41
CA GLY A 42 -2.74 0.40 9.67
C GLY A 42 -3.18 -1.01 9.95
N PRO A 43 -2.48 -1.74 10.84
CA PRO A 43 -2.85 -3.12 11.17
C PRO A 43 -4.26 -3.23 11.75
N GLU A 44 -4.82 -4.43 11.69
CA GLU A 44 -6.15 -4.68 12.25
C GLU A 44 -6.21 -6.08 12.85
N TYR A 45 -6.91 -6.19 13.97
CA TYR A 45 -7.08 -7.46 14.67
C TYR A 45 -7.86 -8.46 13.82
N VAL A 46 -7.47 -9.73 13.88
CA VAL A 46 -8.17 -10.78 13.14
C VAL A 46 -8.77 -11.77 14.13
N ILE A 47 -7.94 -12.36 14.99
CA ILE A 47 -8.42 -13.33 15.97
C ILE A 47 -7.32 -13.65 16.98
N HIS A 48 -7.69 -14.23 18.11
CA HIS A 48 -6.72 -14.64 19.12
C HIS A 48 -7.37 -15.73 19.95
N GLY A 49 -6.54 -16.59 20.53
CA GLY A 49 -7.09 -17.67 21.35
C GLY A 49 -6.03 -18.56 21.94
N LEU A 50 -6.42 -19.46 22.84
CA LEU A 50 -5.45 -20.35 23.47
C LEU A 50 -5.71 -21.81 23.13
N THR A 51 -6.70 -22.06 22.26
CA THR A 51 -7.03 -23.42 21.82
C THR A 51 -7.51 -23.37 20.38
N SER A 52 -7.73 -24.54 19.79
CA SER A 52 -8.22 -24.62 18.43
C SER A 52 -9.74 -24.44 18.50
N ASN A 53 -10.40 -24.49 17.35
CA ASN A 53 -11.85 -24.33 17.29
C ASN A 53 -12.32 -22.95 17.78
N VAL A 54 -11.43 -21.96 17.70
CA VAL A 54 -11.78 -20.60 18.07
C VAL A 54 -12.04 -19.95 16.71
N ASN A 55 -13.21 -19.36 16.53
CA ASN A 55 -13.49 -18.74 15.23
C ASN A 55 -14.53 -17.65 15.17
N ASN A 56 -14.64 -17.05 13.98
CA ASN A 56 -15.59 -15.99 13.69
C ASN A 56 -15.95 -16.10 12.21
N ARG A 57 -16.65 -15.10 11.67
CA ARG A 57 -17.05 -15.12 10.26
C ARG A 57 -15.91 -15.52 9.35
N MET A 58 -14.97 -14.60 9.22
CA MET A 58 -13.81 -14.74 8.36
C MET A 58 -12.86 -15.90 8.64
N ALA A 59 -12.41 -16.04 9.88
CA ALA A 59 -11.42 -17.08 10.15
C ALA A 59 -11.53 -17.91 11.41
N SER A 60 -10.63 -18.89 11.47
CA SER A 60 -10.53 -19.79 12.61
C SER A 60 -9.07 -19.91 13.00
N LEU A 61 -8.84 -20.25 14.26
CA LEU A 61 -7.49 -20.40 14.78
C LEU A 61 -7.28 -21.85 15.15
N ALA A 62 -6.12 -22.39 14.78
CA ALA A 62 -5.81 -23.76 15.11
C ALA A 62 -4.44 -23.78 15.78
N ILE A 63 -4.31 -24.57 16.84
CA ILE A 63 -3.05 -24.70 17.55
C ILE A 63 -2.70 -26.17 17.59
N ALA A 64 -1.52 -26.52 17.09
CA ALA A 64 -1.07 -27.91 17.07
C ALA A 64 -1.14 -28.54 18.46
N GLU A 65 -1.23 -29.86 18.49
CA GLU A 65 -1.32 -30.60 19.74
C GLU A 65 -0.10 -30.37 20.62
N ASP A 66 1.08 -30.27 20.02
CA ASP A 66 2.30 -30.05 20.80
C ASP A 66 2.53 -28.57 21.11
N ARG A 67 1.59 -27.73 20.68
CA ARG A 67 1.67 -26.29 20.95
C ARG A 67 2.92 -25.63 20.38
N LYS A 68 3.53 -26.24 19.36
CA LYS A 68 4.73 -25.68 18.75
C LYS A 68 4.46 -24.98 17.43
N SER A 69 3.20 -24.95 17.02
CA SER A 69 2.81 -24.27 15.79
C SER A 69 1.33 -23.93 15.84
N SER A 70 0.96 -22.89 15.13
CA SER A 70 -0.43 -22.44 15.07
C SER A 70 -0.77 -22.10 13.63
N THR A 71 -2.06 -22.01 13.32
CA THR A 71 -2.46 -21.71 11.96
C THR A 71 -3.69 -20.81 11.92
N LEU A 72 -3.66 -19.81 11.05
CA LEU A 72 -4.81 -18.94 10.86
C LEU A 72 -5.48 -19.52 9.62
N ILE A 73 -6.74 -19.88 9.73
CA ILE A 73 -7.45 -20.45 8.60
C ILE A 73 -8.50 -19.46 8.09
N LEU A 74 -8.33 -18.99 6.87
CA LEU A 74 -9.30 -18.09 6.26
C LEU A 74 -10.21 -19.04 5.49
N HIS A 75 -11.48 -19.08 5.86
CA HIS A 75 -12.43 -19.99 5.22
C HIS A 75 -12.68 -19.79 3.74
N ARG A 76 -12.74 -18.55 3.28
CA ARG A 76 -13.00 -18.26 1.88
C ARG A 76 -12.32 -16.94 1.51
N ALA A 77 -11.11 -17.04 0.99
CA ALA A 77 -10.33 -15.87 0.62
C ALA A 77 -10.92 -15.09 -0.54
N THR A 78 -10.88 -13.76 -0.42
CA THR A 78 -11.35 -12.87 -1.47
C THR A 78 -10.20 -11.93 -1.76
N LEU A 79 -10.30 -11.15 -2.83
CA LEU A 79 -9.24 -10.21 -3.16
C LEU A 79 -8.89 -9.29 -1.99
N ARG A 80 -9.91 -8.84 -1.26
CA ARG A 80 -9.67 -7.95 -0.14
C ARG A 80 -8.89 -8.57 1.03
N ASP A 81 -8.73 -9.89 1.00
CA ASP A 81 -7.99 -10.56 2.07
C ASP A 81 -6.48 -10.51 1.82
N ALA A 82 -6.08 -10.02 0.65
CA ALA A 82 -4.65 -9.91 0.33
C ALA A 82 -4.06 -8.88 1.29
N ALA A 83 -3.06 -9.30 2.06
CA ALA A 83 -2.46 -8.41 3.05
C ALA A 83 -1.32 -9.13 3.75
N VAL A 84 -0.69 -8.43 4.70
CA VAL A 84 0.38 -9.04 5.47
C VAL A 84 -0.27 -9.56 6.74
N TYR A 85 -0.02 -10.82 7.07
CA TYR A 85 -0.60 -11.44 8.26
C TYR A 85 0.49 -11.69 9.29
N TYR A 86 0.24 -11.23 10.50
CA TYR A 86 1.20 -11.37 11.60
C TYR A 86 0.74 -12.31 12.71
N CYS A 87 1.58 -13.28 13.03
CA CYS A 87 1.32 -14.23 14.11
C CYS A 87 2.10 -13.67 15.29
N ILE A 88 1.40 -13.40 16.38
CA ILE A 88 2.01 -12.81 17.56
C ILE A 88 1.80 -13.64 18.83
N LEU A 89 2.89 -13.84 19.58
CA LEU A 89 2.82 -14.59 20.83
C LEU A 89 3.24 -13.65 21.97
N PRO A 90 2.25 -13.02 22.62
CA PRO A 90 2.53 -12.11 23.74
C PRO A 90 2.78 -12.80 25.07
N LEU A 91 3.23 -12.01 26.04
CA LEU A 91 3.50 -12.51 27.38
C LEU A 91 2.20 -12.49 28.19
N ALA A 92 2.03 -13.46 29.07
CA ALA A 92 0.83 -13.55 29.89
C ALA A 92 1.22 -13.69 31.36
N GLY A 93 0.79 -12.74 32.17
CA GLY A 93 1.09 -12.79 33.60
C GLY A 93 2.31 -11.95 33.93
N GLY A 94 2.79 -12.07 35.17
CA GLY A 94 3.94 -11.30 35.60
C GLY A 94 3.70 -9.81 35.50
N THR A 95 4.50 -9.14 34.69
CA THR A 95 4.37 -7.70 34.51
C THR A 95 3.87 -7.37 33.10
N SER A 96 3.20 -8.34 32.48
CA SER A 96 2.68 -8.15 31.14
C SER A 96 1.53 -7.14 31.15
N TYR A 97 1.42 -6.37 30.08
CA TYR A 97 0.37 -5.35 29.98
C TYR A 97 -0.36 -5.40 28.63
N GLY A 98 0.00 -6.37 27.80
CA GLY A 98 -0.64 -6.49 26.50
C GLY A 98 0.27 -6.15 25.33
N LYS A 99 1.56 -6.01 25.61
CA LYS A 99 2.51 -5.69 24.55
C LYS A 99 2.45 -6.74 23.45
N LEU A 100 2.42 -6.28 22.20
CA LEU A 100 2.39 -7.16 21.05
C LEU A 100 3.66 -6.91 20.24
N THR A 101 4.35 -7.98 19.89
CA THR A 101 5.56 -7.86 19.10
C THR A 101 5.28 -8.40 17.69
N PHE A 102 5.15 -7.48 16.73
CA PHE A 102 4.90 -7.87 15.35
C PHE A 102 6.22 -8.32 14.74
N GLY A 103 6.20 -9.43 14.02
CA GLY A 103 7.40 -9.88 13.36
C GLY A 103 7.29 -9.36 11.94
N GLN A 104 7.88 -10.08 10.99
CA GLN A 104 7.84 -9.69 9.60
C GLN A 104 6.50 -10.08 8.97
N GLY A 105 5.89 -11.13 9.49
CA GLY A 105 4.62 -11.60 8.97
C GLY A 105 4.75 -12.33 7.64
N THR A 106 3.61 -12.70 7.06
CA THR A 106 3.60 -13.40 5.78
C THR A 106 2.77 -12.57 4.79
N ILE A 107 3.27 -12.39 3.58
CA ILE A 107 2.55 -11.65 2.56
C ILE A 107 1.61 -12.58 1.81
N LEU A 108 0.30 -12.35 1.94
CA LEU A 108 -0.66 -13.18 1.23
C LEU A 108 -1.17 -12.45 -0.01
N THR A 109 -1.00 -13.09 -1.16
CA THR A 109 -1.47 -12.54 -2.42
C THR A 109 -2.63 -13.44 -2.84
N VAL A 110 -3.76 -12.84 -3.20
CA VAL A 110 -4.92 -13.62 -3.61
C VAL A 110 -5.14 -13.37 -5.10
N HIS A 111 -5.01 -14.42 -5.90
CA HIS A 111 -5.17 -14.28 -7.35
C HIS A 111 -6.60 -14.53 -7.80
N PRO A 112 -7.05 -13.79 -8.83
CA PRO A 112 -8.40 -13.95 -9.35
C PRO A 112 -8.44 -15.19 -10.25
N ASN A 113 -9.60 -15.81 -10.35
CA ASN A 113 -9.75 -16.97 -11.22
C ASN A 113 -10.22 -16.48 -12.57
N ILE A 114 -9.29 -16.39 -13.52
CA ILE A 114 -9.59 -15.91 -14.86
C ILE A 114 -10.24 -17.02 -15.69
N GLN A 115 -11.55 -16.91 -15.88
CA GLN A 115 -12.32 -17.89 -16.64
C GLN A 115 -11.94 -17.96 -18.12
N ASN A 116 -11.71 -16.81 -18.73
CA ASN A 116 -11.36 -16.77 -20.15
C ASN A 116 -10.15 -15.90 -20.44
N PRO A 117 -8.93 -16.43 -20.20
CA PRO A 117 -7.71 -15.67 -20.46
C PRO A 117 -7.71 -15.11 -21.88
N ASP A 118 -7.24 -13.87 -22.03
CA ASP A 118 -7.22 -13.22 -23.34
C ASP A 118 -5.97 -12.32 -23.35
N PRO A 119 -4.80 -12.90 -23.06
CA PRO A 119 -3.54 -12.14 -23.02
C PRO A 119 -3.28 -11.29 -24.26
N ALA A 120 -2.91 -10.03 -24.02
CA ALA A 120 -2.62 -9.11 -25.10
C ALA A 120 -1.77 -7.95 -24.62
N VAL A 121 -1.05 -7.33 -25.55
CA VAL A 121 -0.21 -6.19 -25.24
C VAL A 121 -0.69 -5.05 -26.15
N TYR A 122 -1.16 -3.98 -25.54
CA TYR A 122 -1.69 -2.83 -26.26
C TYR A 122 -0.86 -1.58 -26.05
N GLN A 123 -0.84 -0.72 -27.04
CA GLN A 123 -0.12 0.54 -26.93
C GLN A 123 -1.19 1.61 -26.74
N LEU A 124 -1.07 2.42 -25.70
CA LEU A 124 -2.05 3.46 -25.48
C LEU A 124 -1.67 4.74 -26.21
N ARG A 125 -2.66 5.58 -26.46
CA ARG A 125 -2.42 6.83 -27.16
C ARG A 125 -1.47 7.70 -26.35
N ASP A 126 -0.46 8.25 -27.02
CA ASP A 126 0.51 9.10 -26.34
C ASP A 126 -0.21 10.31 -25.75
N SER A 127 0.46 10.97 -24.82
CA SER A 127 -0.08 12.15 -24.17
C SER A 127 0.74 13.35 -24.64
N LYS A 128 0.06 14.45 -24.94
CA LYS A 128 0.71 15.66 -25.41
C LYS A 128 1.77 16.21 -24.44
N SER A 129 1.49 16.12 -23.14
CA SER A 129 2.42 16.64 -22.13
C SER A 129 3.46 15.63 -21.66
N SER A 130 3.43 14.43 -22.23
CA SER A 130 4.38 13.39 -21.84
C SER A 130 5.23 12.90 -23.01
N ASP A 131 6.49 12.61 -22.71
CA ASP A 131 7.43 12.12 -23.72
C ASP A 131 7.50 10.60 -23.64
N LYS A 132 6.66 10.04 -22.77
CA LYS A 132 6.61 8.60 -22.56
C LYS A 132 5.60 7.89 -23.45
N SER A 133 5.89 6.63 -23.75
CA SER A 133 5.02 5.79 -24.55
C SER A 133 4.60 4.70 -23.57
N VAL A 134 3.30 4.41 -23.52
CA VAL A 134 2.79 3.40 -22.57
C VAL A 134 2.25 2.12 -23.21
N CYS A 135 2.70 0.99 -22.69
CA CYS A 135 2.27 -0.33 -23.16
C CYS A 135 1.52 -1.03 -22.03
N LEU A 136 0.44 -1.70 -22.38
CA LEU A 136 -0.38 -2.40 -21.41
C LEU A 136 -0.47 -3.90 -21.70
N PHE A 137 0.01 -4.72 -20.77
CA PHE A 137 -0.07 -6.18 -20.90
C PHE A 137 -1.25 -6.52 -20.01
N THR A 138 -2.31 -7.08 -20.60
CA THR A 138 -3.50 -7.36 -19.83
C THR A 138 -4.27 -8.63 -20.18
N ASP A 139 -5.16 -9.00 -19.28
CA ASP A 139 -6.05 -10.16 -19.43
C ASP A 139 -5.42 -11.55 -19.43
N PHE A 140 -4.20 -11.64 -18.88
CA PHE A 140 -3.51 -12.93 -18.81
C PHE A 140 -3.90 -13.70 -17.55
N ASP A 141 -3.71 -15.03 -17.60
CA ASP A 141 -4.03 -15.91 -16.47
C ASP A 141 -3.16 -15.54 -15.27
N SER A 142 -3.65 -15.82 -14.07
CA SER A 142 -2.92 -15.50 -12.85
C SER A 142 -1.58 -16.21 -12.67
N GLN A 143 -1.33 -17.25 -13.45
CA GLN A 143 -0.08 -18.00 -13.34
C GLN A 143 1.07 -17.25 -14.00
N THR A 144 0.75 -16.34 -14.91
CA THR A 144 1.75 -15.55 -15.61
C THR A 144 2.40 -14.54 -14.67
N ASN A 145 3.74 -14.47 -14.72
CA ASN A 145 4.48 -13.53 -13.89
C ASN A 145 5.10 -12.46 -14.77
N VAL A 146 5.13 -11.22 -14.26
CA VAL A 146 5.72 -10.12 -15.00
C VAL A 146 7.05 -9.77 -14.36
N SER A 147 8.10 -9.78 -15.15
CA SER A 147 9.44 -9.46 -14.64
C SER A 147 9.82 -8.01 -14.93
N GLN A 148 10.87 -7.54 -14.26
CA GLN A 148 11.34 -6.18 -14.48
C GLN A 148 12.12 -6.17 -15.78
N SER A 149 12.29 -5.01 -16.40
CA SER A 149 13.03 -4.92 -17.65
C SER A 149 14.53 -4.98 -17.42
N LYS A 150 15.26 -5.26 -18.49
CA LYS A 150 16.71 -5.33 -18.44
C LYS A 150 17.29 -3.96 -18.76
N ASP A 151 16.41 -2.96 -18.82
CA ASP A 151 16.83 -1.60 -19.15
C ASP A 151 16.45 -0.62 -18.04
N SER A 152 17.38 0.26 -17.69
CA SER A 152 17.15 1.24 -16.63
C SER A 152 16.24 2.37 -17.10
N ASP A 153 16.07 2.46 -18.42
CA ASP A 153 15.23 3.50 -19.01
C ASP A 153 13.81 2.99 -19.30
N VAL A 154 13.55 1.74 -18.95
CA VAL A 154 12.22 1.15 -19.16
C VAL A 154 11.63 0.80 -17.80
N TYR A 155 10.47 1.37 -17.50
CA TYR A 155 9.79 1.12 -16.24
C TYR A 155 8.66 0.14 -16.44
N ILE A 156 8.62 -0.89 -15.60
CA ILE A 156 7.58 -1.91 -15.67
C ILE A 156 7.04 -2.16 -14.27
N THR A 157 5.73 -2.07 -14.12
CA THR A 157 5.09 -2.29 -12.83
C THR A 157 4.86 -3.77 -12.62
N ASP A 158 4.65 -4.20 -11.38
CA ASP A 158 4.37 -5.61 -11.15
C ASP A 158 2.89 -5.76 -11.47
N LYS A 159 2.44 -6.99 -11.68
CA LYS A 159 1.05 -7.21 -12.01
C LYS A 159 0.12 -6.89 -10.86
N THR A 160 -1.06 -6.38 -11.19
CA THR A 160 -2.08 -6.04 -10.21
C THR A 160 -3.42 -6.47 -10.78
N VAL A 161 -4.40 -6.63 -9.90
CA VAL A 161 -5.73 -7.04 -10.32
C VAL A 161 -6.66 -5.83 -10.40
N LEU A 162 -7.45 -5.80 -11.47
CA LEU A 162 -8.42 -4.74 -11.69
C LEU A 162 -9.79 -5.40 -11.67
N ASP A 163 -10.66 -4.94 -10.78
CA ASP A 163 -12.00 -5.51 -10.65
C ASP A 163 -13.11 -4.58 -11.15
N MET A 164 -13.73 -4.96 -12.27
CA MET A 164 -14.84 -4.18 -12.82
C MET A 164 -16.08 -4.84 -12.21
N ARG A 165 -16.41 -4.43 -10.99
CA ARG A 165 -17.54 -5.01 -10.27
C ARG A 165 -18.86 -4.87 -11.01
N SER A 166 -19.01 -3.81 -11.80
CA SER A 166 -20.25 -3.59 -12.56
C SER A 166 -20.57 -4.75 -13.48
N MET A 167 -19.54 -5.38 -14.02
CA MET A 167 -19.70 -6.52 -14.92
C MET A 167 -19.19 -7.82 -14.32
N ASP A 168 -18.92 -7.80 -13.02
CA ASP A 168 -18.40 -8.98 -12.32
C ASP A 168 -17.25 -9.56 -13.15
N PHE A 169 -16.32 -8.69 -13.52
CA PHE A 169 -15.20 -9.08 -14.36
C PHE A 169 -13.84 -8.63 -13.79
N LYS A 170 -12.97 -9.60 -13.53
CA LYS A 170 -11.64 -9.30 -12.99
C LYS A 170 -10.58 -9.56 -14.05
N SER A 171 -9.48 -8.80 -13.99
CA SER A 171 -8.39 -9.00 -14.93
C SER A 171 -7.05 -8.60 -14.33
N ASN A 172 -6.00 -9.27 -14.79
CA ASN A 172 -4.64 -9.00 -14.35
C ASN A 172 -4.01 -8.10 -15.41
N SER A 173 -3.12 -7.21 -14.98
CA SER A 173 -2.44 -6.34 -15.93
C SER A 173 -1.17 -5.71 -15.35
N ALA A 174 -0.32 -5.23 -16.26
CA ALA A 174 0.92 -4.57 -15.89
C ALA A 174 1.17 -3.52 -16.94
N VAL A 175 1.89 -2.47 -16.56
CA VAL A 175 2.18 -1.39 -17.50
C VAL A 175 3.67 -1.17 -17.66
N ALA A 176 4.08 -0.76 -18.86
CA ALA A 176 5.47 -0.48 -19.15
C ALA A 176 5.54 0.84 -19.90
N TRP A 177 6.52 1.68 -19.56
CA TRP A 177 6.65 2.96 -20.26
C TRP A 177 8.12 3.35 -20.36
N SER A 178 8.42 4.21 -21.32
CA SER A 178 9.78 4.67 -21.55
C SER A 178 9.79 5.76 -22.60
N ASN A 179 10.83 6.59 -22.59
CA ASN A 179 10.94 7.66 -23.58
C ASN A 179 11.97 7.30 -24.64
N LYS A 180 12.56 6.12 -24.52
CA LYS A 180 13.56 5.66 -25.49
C LYS A 180 12.93 5.49 -26.87
N SER A 181 13.75 5.63 -27.90
CA SER A 181 13.29 5.49 -29.28
C SER A 181 13.10 4.03 -29.67
N ASP A 182 13.97 3.16 -29.17
CA ASP A 182 13.90 1.74 -29.49
C ASP A 182 12.79 1.02 -28.72
N PHE A 183 12.09 1.76 -27.88
CA PHE A 183 11.01 1.16 -27.09
C PHE A 183 9.74 0.95 -27.92
N ALA A 184 9.25 -0.28 -27.90
CA ALA A 184 8.04 -0.66 -28.63
C ALA A 184 7.33 -1.71 -27.78
N CYS A 185 6.01 -1.76 -27.87
CA CYS A 185 5.27 -2.74 -27.08
C CYS A 185 5.61 -4.17 -27.50
N ALA A 186 6.08 -4.35 -28.72
CA ALA A 186 6.45 -5.68 -29.20
C ALA A 186 7.57 -6.28 -28.38
N ASN A 187 8.43 -5.44 -27.81
CA ASN A 187 9.55 -5.92 -27.01
C ASN A 187 9.53 -5.48 -25.55
N ALA A 188 8.57 -4.62 -25.21
CA ALA A 188 8.46 -4.10 -23.84
C ALA A 188 8.55 -5.16 -22.76
N PHE A 189 7.85 -6.28 -22.94
CA PHE A 189 7.85 -7.35 -21.94
C PHE A 189 8.69 -8.57 -22.33
N ASN A 190 9.74 -8.34 -23.11
CA ASN A 190 10.62 -9.43 -23.54
C ASN A 190 11.31 -10.18 -22.41
N ASN A 191 11.49 -9.53 -21.27
CA ASN A 191 12.15 -10.19 -20.15
C ASN A 191 11.19 -11.03 -19.31
N SER A 192 9.93 -11.06 -19.72
CA SER A 192 8.92 -11.85 -19.02
C SER A 192 8.55 -13.06 -19.85
N ILE A 193 8.12 -14.13 -19.19
CA ILE A 193 7.66 -15.33 -19.87
C ILE A 193 6.16 -15.12 -20.04
N ILE A 194 5.73 -14.76 -21.24
CA ILE A 194 4.31 -14.51 -21.50
C ILE A 194 3.71 -15.61 -22.37
N PRO A 195 2.37 -15.75 -22.34
CA PRO A 195 1.69 -16.77 -23.13
C PRO A 195 2.09 -16.69 -24.60
N GLU A 196 2.34 -17.83 -25.23
CA GLU A 196 2.74 -17.82 -26.63
C GLU A 196 1.64 -17.28 -27.54
N ASP A 197 0.39 -17.41 -27.10
CA ASP A 197 -0.74 -16.92 -27.90
C ASP A 197 -1.13 -15.48 -27.55
N THR A 198 -0.23 -14.77 -26.88
CA THR A 198 -0.50 -13.38 -26.54
C THR A 198 -0.77 -12.59 -27.81
N PHE A 199 -1.83 -11.79 -27.77
CA PHE A 199 -2.23 -10.99 -28.93
C PHE A 199 -1.47 -9.67 -29.03
N PHE A 200 -0.81 -9.46 -30.17
CA PHE A 200 -0.08 -8.22 -30.43
C PHE A 200 -0.75 -7.61 -31.66
N PRO A 201 -1.62 -6.61 -31.46
CA PRO A 201 -2.32 -5.96 -32.58
C PRO A 201 -1.34 -5.46 -33.64
N SER A 202 -1.77 -5.48 -34.90
CA SER A 202 -0.92 -5.01 -35.98
C SER A 202 -1.70 -4.17 -36.98
N GLY B 2 -12.70 5.95 14.80
CA GLY B 2 -11.63 5.17 15.46
C GLY B 2 -10.47 6.06 15.86
N VAL B 3 -9.28 5.49 15.87
CA VAL B 3 -8.07 6.23 16.23
C VAL B 3 -7.68 7.15 15.08
N SER B 4 -7.31 8.39 15.39
CA SER B 4 -6.89 9.32 14.36
C SER B 4 -5.47 9.80 14.63
N GLN B 5 -4.79 10.20 13.57
CA GLN B 5 -3.42 10.69 13.66
C GLN B 5 -3.22 11.88 12.75
N SER B 6 -2.29 12.75 13.13
CA SER B 6 -1.99 13.94 12.35
C SER B 6 -0.56 14.37 12.66
N PRO B 7 0.17 14.84 11.64
CA PRO B 7 -0.32 14.96 10.25
C PRO B 7 -0.27 13.58 9.62
N ARG B 8 -1.05 13.37 8.56
CA ARG B 8 -1.04 12.07 7.90
C ARG B 8 0.28 11.89 7.13
N TYR B 9 0.84 12.99 6.64
CA TYR B 9 2.11 12.97 5.91
C TYR B 9 2.98 14.11 6.38
N LYS B 10 4.29 13.90 6.39
CA LYS B 10 5.22 14.93 6.83
C LYS B 10 6.57 14.77 6.18
N VAL B 11 7.10 15.85 5.61
CA VAL B 11 8.43 15.80 5.02
C VAL B 11 9.21 16.81 5.85
N ALA B 12 10.37 16.41 6.32
CA ALA B 12 11.18 17.28 7.16
C ALA B 12 12.63 17.29 6.70
N LYS B 13 13.31 18.40 6.98
CA LYS B 13 14.71 18.55 6.62
C LYS B 13 15.52 17.94 7.76
N ARG B 14 16.60 17.25 7.43
CA ARG B 14 17.44 16.64 8.45
C ARG B 14 17.84 17.70 9.47
N GLY B 15 17.74 17.35 10.76
CA GLY B 15 18.11 18.27 11.81
C GLY B 15 16.96 19.05 12.42
N GLN B 16 15.80 19.04 11.78
CA GLN B 16 14.65 19.77 12.31
C GLN B 16 13.84 18.87 13.24
N ASP B 17 13.06 19.48 14.12
CA ASP B 17 12.23 18.71 15.05
C ASP B 17 10.83 18.52 14.47
N VAL B 18 10.17 17.43 14.85
CA VAL B 18 8.80 17.16 14.39
C VAL B 18 7.97 16.60 15.53
N ALA B 19 6.65 16.81 15.44
CA ALA B 19 5.72 16.34 16.46
C ALA B 19 4.58 15.59 15.77
N LEU B 20 4.34 14.35 16.21
CA LEU B 20 3.29 13.52 15.63
C LEU B 20 2.20 13.33 16.67
N ARG B 21 0.96 13.56 16.27
CA ARG B 21 -0.16 13.46 17.20
C ARG B 21 -1.06 12.25 17.02
N CYS B 22 -1.55 11.73 18.13
CA CYS B 22 -2.46 10.58 18.15
C CYS B 22 -3.66 10.89 19.02
N ASP B 23 -4.87 10.72 18.46
CA ASP B 23 -6.10 10.94 19.19
C ASP B 23 -6.74 9.55 19.28
N PRO B 24 -6.50 8.82 20.37
CA PRO B 24 -7.05 7.47 20.57
C PRO B 24 -8.54 7.40 20.81
N ILE B 25 -9.07 6.19 20.83
CA ILE B 25 -10.49 6.00 21.08
C ILE B 25 -10.80 6.37 22.52
N SER B 26 -11.91 7.09 22.71
CA SER B 26 -12.29 7.52 24.04
C SER B 26 -12.44 6.35 25.01
N GLY B 27 -11.89 6.50 26.21
CA GLY B 27 -12.00 5.45 27.22
C GLY B 27 -11.00 4.33 27.10
N HIS B 28 -10.16 4.36 26.07
CA HIS B 28 -9.15 3.32 25.93
C HIS B 28 -7.96 3.66 26.83
N VAL B 29 -7.73 2.84 27.84
CA VAL B 29 -6.66 3.04 28.81
C VAL B 29 -5.25 2.87 28.23
N SER B 30 -5.11 1.91 27.30
CA SER B 30 -3.81 1.63 26.70
C SER B 30 -3.56 2.31 25.37
N LEU B 31 -2.35 2.85 25.20
CA LEU B 31 -1.98 3.48 23.94
C LEU B 31 -0.58 3.01 23.59
N PHE B 32 -0.40 2.62 22.33
CA PHE B 32 0.89 2.12 21.84
C PHE B 32 1.40 2.90 20.63
N TRP B 33 2.71 3.11 20.57
CA TRP B 33 3.33 3.77 19.42
C TRP B 33 4.27 2.75 18.77
N TYR B 34 4.30 2.76 17.44
CA TYR B 34 5.16 1.86 16.66
C TYR B 34 5.81 2.64 15.53
N GLN B 35 6.95 2.12 15.07
CA GLN B 35 7.68 2.69 13.94
C GLN B 35 7.71 1.58 12.89
N GLN B 36 7.25 1.85 11.67
CA GLN B 36 7.27 0.82 10.65
C GLN B 36 8.07 1.25 9.43
N ALA B 37 9.23 0.65 9.24
CA ALA B 37 10.07 0.98 8.10
C ALA B 37 9.56 0.21 6.88
N LEU B 38 9.85 0.73 5.69
CA LEU B 38 9.39 0.10 4.45
C LEU B 38 9.70 -1.39 4.40
N GLY B 39 8.68 -2.18 4.05
CA GLY B 39 8.84 -3.62 3.94
C GLY B 39 9.09 -4.36 5.23
N GLN B 40 8.94 -3.67 6.35
CA GLN B 40 9.16 -4.27 7.66
C GLN B 40 7.86 -4.24 8.46
N GLY B 41 7.78 -5.06 9.51
CA GLY B 41 6.60 -5.07 10.35
C GLY B 41 6.71 -3.93 11.35
N PRO B 42 5.62 -3.57 12.04
CA PRO B 42 5.66 -2.48 13.03
C PRO B 42 6.59 -2.82 14.19
N GLU B 43 7.44 -1.87 14.59
CA GLU B 43 8.35 -2.09 15.71
C GLU B 43 7.87 -1.24 16.88
N PHE B 44 7.70 -1.89 18.04
CA PHE B 44 7.23 -1.21 19.24
C PHE B 44 8.17 -0.09 19.69
N LEU B 45 7.58 1.05 20.05
CA LEU B 45 8.34 2.20 20.54
C LEU B 45 8.07 2.44 22.02
N THR B 46 6.80 2.71 22.35
CA THR B 46 6.47 2.98 23.73
C THR B 46 5.00 2.68 24.06
N TYR B 47 4.72 2.55 25.35
CA TYR B 47 3.39 2.24 25.84
C TYR B 47 2.93 3.15 26.98
N PHE B 48 1.65 3.50 26.97
CA PHE B 48 1.03 4.32 28.01
C PHE B 48 -0.18 3.63 28.61
N GLN B 49 -0.30 3.72 29.93
CA GLN B 49 -1.46 3.21 30.67
C GLN B 49 -1.95 4.54 31.22
N ASN B 50 -3.02 5.08 30.62
CA ASN B 50 -3.51 6.39 31.03
C ASN B 50 -2.34 7.33 30.74
N GLU B 51 -1.95 8.18 31.68
CA GLU B 51 -0.85 9.11 31.41
C GLU B 51 0.55 8.53 31.67
N ALA B 52 0.61 7.37 32.31
CA ALA B 52 1.88 6.74 32.66
C ALA B 52 2.54 5.95 31.55
N GLN B 53 3.76 6.36 31.20
CA GLN B 53 4.52 5.68 30.15
C GLN B 53 5.28 4.54 30.81
N LEU B 54 4.59 3.42 31.02
CA LEU B 54 5.17 2.26 31.69
C LEU B 54 6.27 1.48 30.97
N ASP B 55 6.28 1.52 29.64
CA ASP B 55 7.30 0.81 28.88
C ASP B 55 7.73 1.61 27.67
N LYS B 56 8.95 2.16 27.74
CA LYS B 56 9.47 2.94 26.62
C LYS B 56 10.76 2.32 26.09
N SER B 57 10.87 1.00 26.24
CA SER B 57 12.05 0.27 25.80
C SER B 57 12.30 0.26 24.30
N GLY B 58 11.33 0.71 23.52
CA GLY B 58 11.50 0.73 22.08
C GLY B 58 12.01 2.03 21.48
N LEU B 59 12.08 3.09 22.28
CA LEU B 59 12.56 4.37 21.76
C LEU B 59 14.02 4.21 21.35
N PRO B 60 14.33 4.46 20.06
CA PRO B 60 15.68 4.36 19.48
C PRO B 60 16.77 5.12 20.20
N SER B 61 16.52 6.38 20.52
CA SER B 61 17.50 7.21 21.19
C SER B 61 16.80 8.32 21.95
N ASP B 62 17.60 9.18 22.59
CA ASP B 62 17.06 10.30 23.35
C ASP B 62 16.40 11.35 22.46
N ARG B 63 16.57 11.21 21.14
CA ARG B 63 15.94 12.16 20.22
C ARG B 63 14.44 11.93 20.18
N PHE B 64 14.01 10.76 20.65
CA PHE B 64 12.59 10.40 20.69
C PHE B 64 12.00 10.59 22.09
N PHE B 65 10.88 11.29 22.16
CA PHE B 65 10.21 11.55 23.43
C PHE B 65 8.69 11.49 23.20
N ALA B 66 7.95 10.91 24.14
CA ALA B 66 6.50 10.85 23.99
C ALA B 66 5.82 11.28 25.28
N GLU B 67 4.59 11.78 25.15
CA GLU B 67 3.81 12.21 26.30
C GLU B 67 2.33 11.96 26.02
N ARG B 68 1.54 11.87 27.08
CA ARG B 68 0.10 11.66 27.00
C ARG B 68 -0.37 12.27 28.32
N PRO B 69 -0.18 13.59 28.46
CA PRO B 69 -0.50 14.42 29.63
C PRO B 69 -1.82 14.21 30.36
N GLU B 70 -2.90 13.98 29.62
CA GLU B 70 -4.19 13.80 30.25
C GLU B 70 -4.76 12.39 30.07
N GLY B 71 -3.91 11.45 29.68
CA GLY B 71 -4.36 10.08 29.49
C GLY B 71 -5.20 9.87 28.24
N SER B 72 -5.21 10.84 27.34
CA SER B 72 -5.96 10.69 26.10
C SER B 72 -5.05 10.92 24.91
N VAL B 73 -5.03 12.14 24.38
CA VAL B 73 -4.19 12.48 23.24
C VAL B 73 -2.70 12.28 23.56
N SER B 74 -1.97 11.73 22.62
CA SER B 74 -0.54 11.52 22.84
C SER B 74 0.27 12.14 21.72
N THR B 75 1.45 12.65 22.05
CA THR B 75 2.31 13.25 21.06
C THR B 75 3.67 12.59 21.09
N LEU B 76 4.16 12.20 19.91
CA LEU B 76 5.48 11.60 19.79
C LEU B 76 6.33 12.66 19.12
N LYS B 77 7.39 13.08 19.81
CA LYS B 77 8.28 14.10 19.27
C LYS B 77 9.63 13.52 18.90
N ILE B 78 10.14 13.93 17.74
CA ILE B 78 11.44 13.47 17.29
C ILE B 78 12.28 14.71 17.05
N GLN B 79 13.33 14.87 17.83
CA GLN B 79 14.20 16.04 17.67
C GLN B 79 15.35 15.70 16.73
N ARG B 80 15.89 16.73 16.09
CA ARG B 80 17.02 16.56 15.19
C ARG B 80 16.84 15.33 14.29
N THR B 81 15.76 15.33 13.52
CA THR B 81 15.45 14.20 12.65
C THR B 81 16.57 13.80 11.70
N GLN B 82 16.72 12.49 11.53
CA GLN B 82 17.74 11.91 10.67
C GLN B 82 17.04 11.09 9.60
N GLN B 83 17.74 10.84 8.49
CA GLN B 83 17.16 10.06 7.40
C GLN B 83 16.62 8.71 7.88
N GLU B 84 17.32 8.10 8.82
CA GLU B 84 16.93 6.81 9.36
C GLU B 84 15.58 6.84 10.07
N ASP B 85 15.09 8.04 10.37
CA ASP B 85 13.80 8.17 11.04
C ASP B 85 12.64 8.03 10.06
N SER B 86 12.94 8.05 8.77
CA SER B 86 11.91 7.94 7.74
C SER B 86 11.15 6.62 7.92
N ALA B 87 9.84 6.73 8.14
CA ALA B 87 9.02 5.56 8.36
C ALA B 87 7.58 5.99 8.57
N VAL B 88 6.71 5.01 8.77
CA VAL B 88 5.31 5.28 9.08
C VAL B 88 5.21 5.06 10.57
N TYR B 89 4.73 6.07 11.28
CA TYR B 89 4.57 5.95 12.71
C TYR B 89 3.12 5.64 12.99
N LEU B 90 2.91 4.53 13.68
CA LEU B 90 1.57 4.05 13.99
C LEU B 90 1.23 4.20 15.46
N CYS B 91 -0.02 4.51 15.73
CA CYS B 91 -0.51 4.63 17.09
C CYS B 91 -1.71 3.69 17.19
N ALA B 92 -1.87 3.06 18.34
CA ALA B 92 -3.00 2.16 18.54
C ALA B 92 -3.48 2.28 19.97
N SER B 93 -4.76 1.98 20.19
CA SER B 93 -5.30 2.03 21.54
C SER B 93 -6.15 0.81 21.80
N SER B 94 -6.29 0.47 23.08
CA SER B 94 -7.13 -0.66 23.47
C SER B 94 -7.73 -0.38 24.83
N LEU B 95 -8.87 -0.99 25.11
CA LEU B 95 -9.52 -0.78 26.40
C LEU B 95 -8.59 -1.25 27.52
N GLY B 96 -7.93 -2.39 27.28
CA GLY B 96 -7.02 -2.95 28.26
C GLY B 96 -6.34 -4.20 27.73
N GLN B 97 -5.51 -4.82 28.56
CA GLN B 97 -4.77 -6.02 28.16
C GLN B 97 -5.60 -7.18 27.60
N ALA B 98 -6.82 -7.34 28.08
CA ALA B 98 -7.67 -8.43 27.61
C ALA B 98 -8.35 -8.12 26.28
N TYR B 99 -8.09 -6.92 25.75
CA TYR B 99 -8.72 -6.53 24.51
C TYR B 99 -7.77 -6.22 23.36
N GLU B 100 -8.34 -6.18 22.17
CA GLU B 100 -7.59 -5.94 20.94
C GLU B 100 -7.22 -4.49 20.70
N GLN B 101 -6.14 -4.30 19.93
CA GLN B 101 -5.67 -2.98 19.59
C GLN B 101 -6.31 -2.47 18.31
N TYR B 102 -6.66 -1.18 18.32
CA TYR B 102 -7.25 -0.49 17.18
C TYR B 102 -6.20 0.51 16.72
N PHE B 103 -5.81 0.43 15.45
CA PHE B 103 -4.78 1.30 14.91
C PHE B 103 -5.25 2.54 14.16
N GLY B 104 -4.42 3.57 14.22
CA GLY B 104 -4.70 4.80 13.49
C GLY B 104 -4.27 4.58 12.06
N PRO B 105 -4.42 5.59 11.18
CA PRO B 105 -4.04 5.48 9.78
C PRO B 105 -2.54 5.66 9.56
N GLY B 106 -1.86 6.10 10.61
CA GLY B 106 -0.42 6.31 10.55
C GLY B 106 0.02 7.65 10.02
N THR B 107 1.25 8.02 10.36
CA THR B 107 1.84 9.27 9.89
C THR B 107 3.09 8.86 9.12
N ARG B 108 3.10 9.15 7.82
CA ARG B 108 4.25 8.79 6.99
C ARG B 108 5.25 9.93 7.03
N LEU B 109 6.41 9.67 7.65
CA LEU B 109 7.46 10.68 7.75
C LEU B 109 8.63 10.39 6.82
N THR B 110 9.04 11.40 6.07
CA THR B 110 10.20 11.28 5.19
C THR B 110 11.14 12.41 5.56
N VAL B 111 12.35 12.05 5.94
CA VAL B 111 13.35 13.05 6.32
C VAL B 111 14.33 13.13 5.15
N THR B 112 14.52 14.34 4.64
CA THR B 112 15.41 14.56 3.51
C THR B 112 16.50 15.59 3.86
N GLU B 113 17.62 15.52 3.15
CA GLU B 113 18.73 16.42 3.43
C GLU B 113 18.41 17.89 3.19
N ASP B 114 17.67 18.17 2.12
CA ASP B 114 17.32 19.55 1.78
C ASP B 114 15.93 19.57 1.18
N LEU B 115 15.12 20.56 1.55
CA LEU B 115 13.76 20.64 1.03
C LEU B 115 13.69 20.94 -0.47
N LYS B 116 14.83 21.27 -1.08
CA LYS B 116 14.83 21.52 -2.52
C LYS B 116 14.68 20.19 -3.26
N ASN B 117 14.67 19.10 -2.48
CA ASN B 117 14.51 17.76 -3.03
C ASN B 117 13.03 17.48 -3.27
N VAL B 118 12.17 18.31 -2.69
CA VAL B 118 10.72 18.13 -2.81
C VAL B 118 10.15 18.65 -4.12
N PHE B 119 9.42 17.80 -4.83
CA PHE B 119 8.82 18.12 -6.11
C PHE B 119 7.40 17.55 -6.23
N PRO B 120 6.46 18.32 -6.80
CA PRO B 120 5.10 17.83 -6.96
C PRO B 120 5.07 16.93 -8.21
N PRO B 121 4.04 16.09 -8.33
CA PRO B 121 3.99 15.21 -9.51
C PRO B 121 3.52 15.92 -10.77
N GLU B 122 3.89 15.36 -11.91
CA GLU B 122 3.41 15.83 -13.20
C GLU B 122 2.45 14.68 -13.49
N VAL B 123 1.30 14.99 -14.07
CA VAL B 123 0.31 13.95 -14.32
C VAL B 123 -0.14 13.89 -15.78
N ALA B 124 -0.24 12.68 -16.32
CA ALA B 124 -0.66 12.50 -17.71
C ALA B 124 -1.62 11.32 -17.84
N VAL B 125 -2.60 11.46 -18.73
CA VAL B 125 -3.56 10.40 -18.97
C VAL B 125 -3.33 9.89 -20.38
N PHE B 126 -3.34 8.57 -20.53
CA PHE B 126 -3.15 7.93 -21.83
C PHE B 126 -4.46 7.26 -22.21
N GLU B 127 -4.99 7.67 -23.36
CA GLU B 127 -6.26 7.16 -23.85
C GLU B 127 -6.18 5.70 -24.31
N PRO B 128 -7.30 4.96 -24.23
CA PRO B 128 -7.40 3.55 -24.61
C PRO B 128 -6.96 3.18 -26.01
N SER B 129 -6.47 1.95 -26.13
CA SER B 129 -6.04 1.40 -27.41
C SER B 129 -7.27 1.05 -28.23
N GLU B 130 -7.28 1.46 -29.50
CA GLU B 130 -8.42 1.15 -30.35
C GLU B 130 -8.49 -0.36 -30.55
N ALA B 131 -7.33 -1.02 -30.48
CA ALA B 131 -7.26 -2.46 -30.63
C ALA B 131 -7.89 -3.16 -29.43
N GLU B 132 -7.67 -2.64 -28.23
CA GLU B 132 -8.29 -3.26 -27.05
C GLU B 132 -9.81 -3.16 -27.18
N ILE B 133 -10.28 -1.98 -27.56
CA ILE B 133 -11.70 -1.74 -27.73
C ILE B 133 -12.34 -2.73 -28.71
N SER B 134 -11.69 -2.96 -29.84
CA SER B 134 -12.21 -3.87 -30.85
C SER B 134 -12.15 -5.34 -30.41
N HIS B 135 -11.08 -5.68 -29.72
CA HIS B 135 -10.85 -7.05 -29.27
C HIS B 135 -11.62 -7.49 -28.02
N THR B 136 -11.77 -6.57 -27.07
CA THR B 136 -12.43 -6.89 -25.80
C THR B 136 -13.73 -6.16 -25.48
N GLN B 137 -14.02 -5.09 -26.20
CA GLN B 137 -15.22 -4.29 -25.94
C GLN B 137 -15.05 -3.57 -24.60
N LYS B 138 -13.79 -3.44 -24.17
CA LYS B 138 -13.45 -2.75 -22.93
C LYS B 138 -12.43 -1.68 -23.30
N ALA B 139 -12.28 -0.68 -22.43
CA ALA B 139 -11.34 0.40 -22.69
C ALA B 139 -10.57 0.74 -21.42
N THR B 140 -9.25 0.58 -21.45
CA THR B 140 -8.41 0.87 -20.29
C THR B 140 -7.66 2.18 -20.44
N LEU B 141 -7.87 3.09 -19.50
CA LEU B 141 -7.14 4.35 -19.49
C LEU B 141 -6.02 4.19 -18.48
N VAL B 142 -4.90 4.86 -18.71
CA VAL B 142 -3.78 4.78 -17.79
C VAL B 142 -3.38 6.17 -17.35
N CYS B 143 -3.11 6.30 -16.05
CA CYS B 143 -2.67 7.57 -15.50
C CYS B 143 -1.26 7.36 -15.00
N LEU B 144 -0.37 8.30 -15.34
CA LEU B 144 1.01 8.21 -14.88
C LEU B 144 1.36 9.50 -14.11
N ALA B 145 1.77 9.34 -12.86
CA ALA B 145 2.18 10.45 -12.02
C ALA B 145 3.70 10.29 -11.93
N THR B 146 4.44 11.32 -12.32
CA THR B 146 5.90 11.22 -12.31
C THR B 146 6.65 12.40 -11.72
N GLY B 147 7.92 12.15 -11.41
CA GLY B 147 8.78 13.19 -10.88
C GLY B 147 8.48 13.77 -9.53
N PHE B 148 7.78 13.05 -8.67
CA PHE B 148 7.48 13.59 -7.35
C PHE B 148 8.36 13.06 -6.22
N TYR B 149 8.45 13.86 -5.17
CA TYR B 149 9.21 13.52 -3.98
C TYR B 149 8.71 14.43 -2.87
N PRO B 150 8.43 13.88 -1.68
CA PRO B 150 8.55 12.47 -1.29
C PRO B 150 7.43 11.62 -1.87
N ASP B 151 7.44 10.33 -1.56
CA ASP B 151 6.42 9.44 -2.07
C ASP B 151 5.18 9.54 -1.19
N HIS B 152 4.60 10.73 -1.15
CA HIS B 152 3.40 11.01 -0.35
C HIS B 152 2.28 11.45 -1.29
N VAL B 153 1.59 10.49 -1.90
CA VAL B 153 0.52 10.82 -2.84
C VAL B 153 -0.67 9.89 -2.70
N GLU B 154 -1.82 10.36 -3.19
CA GLU B 154 -3.04 9.56 -3.19
C GLU B 154 -3.68 9.84 -4.54
N LEU B 155 -3.82 8.79 -5.34
CA LEU B 155 -4.39 8.92 -6.67
C LEU B 155 -5.84 8.44 -6.71
N SER B 156 -6.68 9.16 -7.44
CA SER B 156 -8.09 8.81 -7.57
C SER B 156 -8.60 9.16 -8.95
N TRP B 157 -9.67 8.51 -9.38
CA TRP B 157 -10.27 8.77 -10.67
C TRP B 157 -11.65 9.37 -10.49
N TRP B 158 -11.98 10.33 -11.35
CA TRP B 158 -13.27 11.00 -11.29
C TRP B 158 -13.91 11.02 -12.67
N VAL B 159 -15.13 10.53 -12.74
CA VAL B 159 -15.86 10.47 -14.00
C VAL B 159 -17.09 11.36 -13.87
N ASN B 160 -17.17 12.37 -14.73
CA ASN B 160 -18.27 13.31 -14.73
C ASN B 160 -18.46 13.93 -13.35
N GLY B 161 -17.35 14.22 -12.69
CA GLY B 161 -17.41 14.85 -11.38
C GLY B 161 -17.65 13.93 -10.18
N LYS B 162 -17.70 12.63 -10.42
CA LYS B 162 -17.94 11.67 -9.36
C LYS B 162 -16.78 10.67 -9.23
N GLU B 163 -16.30 10.47 -8.00
CA GLU B 163 -15.19 9.55 -7.81
C GLU B 163 -15.64 8.11 -8.07
N VAL B 164 -14.79 7.35 -8.75
CA VAL B 164 -15.13 5.95 -9.04
C VAL B 164 -14.18 5.03 -8.31
N HIS B 165 -14.68 3.86 -7.90
CA HIS B 165 -13.84 2.90 -7.21
C HIS B 165 -13.80 1.62 -8.02
N SER B 166 -14.94 1.23 -8.56
CA SER B 166 -15.01 0.02 -9.37
C SER B 166 -14.21 0.23 -10.66
N GLY B 167 -13.53 -0.82 -11.10
CA GLY B 167 -12.76 -0.74 -12.34
C GLY B 167 -11.44 -0.01 -12.27
N VAL B 168 -10.96 0.29 -11.07
CA VAL B 168 -9.70 0.99 -10.88
C VAL B 168 -8.65 0.12 -10.21
N SER B 169 -7.40 0.24 -10.66
CA SER B 169 -6.29 -0.50 -10.05
C SER B 169 -5.08 0.41 -10.06
N THR B 170 -4.64 0.81 -8.87
CA THR B 170 -3.50 1.69 -8.72
C THR B 170 -2.33 0.94 -8.08
N ASP B 171 -1.11 1.24 -8.53
CA ASP B 171 0.06 0.56 -7.99
C ASP B 171 0.10 0.76 -6.47
N PRO B 172 0.47 -0.30 -5.73
CA PRO B 172 0.54 -0.24 -4.26
C PRO B 172 1.57 0.77 -3.75
N GLN B 173 2.67 0.92 -4.47
CA GLN B 173 3.72 1.85 -4.05
C GLN B 173 4.46 2.49 -5.22
N PRO B 174 4.77 3.80 -5.09
CA PRO B 174 5.49 4.54 -6.11
C PRO B 174 6.86 3.96 -6.38
N LEU B 175 7.23 3.95 -7.66
CA LEU B 175 8.50 3.40 -8.13
C LEU B 175 9.58 4.49 -8.19
N LYS B 176 10.84 4.12 -7.96
CA LYS B 176 11.94 5.09 -8.01
C LYS B 176 12.41 5.28 -9.45
N GLU B 177 12.42 6.52 -9.91
CA GLU B 177 12.86 6.81 -11.27
C GLU B 177 14.37 6.63 -11.40
N GLN B 178 15.09 6.82 -10.30
CA GLN B 178 16.55 6.66 -10.26
C GLN B 178 16.93 5.86 -9.03
N PRO B 179 16.78 4.53 -9.09
CA PRO B 179 17.09 3.59 -8.01
C PRO B 179 18.41 3.82 -7.28
N ALA B 180 19.42 4.28 -8.01
CA ALA B 180 20.74 4.52 -7.43
C ALA B 180 20.81 5.72 -6.49
N LEU B 181 20.00 6.73 -6.75
CA LEU B 181 19.99 7.94 -5.92
C LEU B 181 19.10 7.79 -4.69
N ASN B 182 19.59 8.29 -3.56
CA ASN B 182 18.84 8.20 -2.31
C ASN B 182 17.66 9.18 -2.27
N ASP B 183 17.79 10.29 -2.98
CA ASP B 183 16.73 11.30 -3.04
C ASP B 183 15.96 11.19 -4.36
N SER B 184 15.98 10.00 -4.95
CA SER B 184 15.29 9.78 -6.23
C SER B 184 13.82 10.14 -6.20
N ARG B 185 13.36 10.73 -7.30
CA ARG B 185 11.96 11.08 -7.43
C ARG B 185 11.20 9.79 -7.76
N TYR B 186 9.88 9.86 -7.70
CA TYR B 186 9.05 8.68 -7.93
C TYR B 186 8.05 8.79 -9.06
N CYS B 187 7.52 7.63 -9.44
CA CYS B 187 6.50 7.52 -10.48
C CYS B 187 5.45 6.53 -9.98
N LEU B 188 4.20 6.77 -10.36
CA LEU B 188 3.10 5.89 -9.95
C LEU B 188 2.11 5.77 -11.09
N SER B 189 1.59 4.57 -11.32
CA SER B 189 0.63 4.38 -12.39
C SER B 189 -0.68 3.86 -11.86
N SER B 190 -1.73 4.11 -12.63
CA SER B 190 -3.07 3.63 -12.27
C SER B 190 -3.84 3.35 -13.54
N ARG B 191 -4.77 2.41 -13.45
CA ARG B 191 -5.59 2.03 -14.58
C ARG B 191 -7.06 2.15 -14.25
N LEU B 192 -7.85 2.61 -15.21
CA LEU B 192 -9.30 2.71 -15.05
C LEU B 192 -9.87 2.01 -16.28
N ARG B 193 -10.64 0.95 -16.05
CA ARG B 193 -11.22 0.23 -17.19
C ARG B 193 -12.74 0.36 -17.19
N VAL B 194 -13.27 0.71 -18.36
CA VAL B 194 -14.72 0.87 -18.53
C VAL B 194 -15.16 0.12 -19.78
N SER B 195 -16.46 0.06 -20.03
CA SER B 195 -16.95 -0.62 -21.22
C SER B 195 -16.62 0.25 -22.43
N ALA B 196 -16.49 -0.36 -23.60
CA ALA B 196 -16.18 0.40 -24.81
C ALA B 196 -17.26 1.45 -25.09
N THR B 197 -18.52 1.08 -24.89
CA THR B 197 -19.61 2.02 -25.13
C THR B 197 -19.53 3.25 -24.22
N PHE B 198 -19.05 3.06 -23.00
CA PHE B 198 -18.94 4.18 -22.07
C PHE B 198 -17.84 5.14 -22.54
N TRP B 199 -16.72 4.57 -22.98
CA TRP B 199 -15.62 5.40 -23.47
C TRP B 199 -15.97 6.12 -24.77
N GLN B 200 -16.80 5.48 -25.59
CA GLN B 200 -17.17 6.06 -26.88
C GLN B 200 -18.15 7.23 -26.79
N ASN B 201 -18.66 7.49 -25.60
CA ASN B 201 -19.59 8.60 -25.41
C ASN B 201 -18.76 9.87 -25.14
N PRO B 202 -18.77 10.83 -26.08
CA PRO B 202 -18.02 12.07 -25.94
C PRO B 202 -18.48 12.93 -24.77
N ARG B 203 -19.65 12.61 -24.22
CA ARG B 203 -20.18 13.34 -23.08
C ARG B 203 -19.50 12.92 -21.78
N ASN B 204 -18.82 11.77 -21.79
CA ASN B 204 -18.16 11.30 -20.58
C ASN B 204 -16.78 11.91 -20.39
N HIS B 205 -16.59 12.51 -19.22
CA HIS B 205 -15.36 13.17 -18.85
C HIS B 205 -14.61 12.37 -17.79
N PHE B 206 -13.33 12.10 -18.07
CA PHE B 206 -12.50 11.33 -17.15
C PHE B 206 -11.36 12.19 -16.63
N ARG B 207 -11.12 12.11 -15.33
CA ARG B 207 -10.03 12.89 -14.72
C ARG B 207 -9.25 12.06 -13.71
N CYS B 208 -7.94 12.08 -13.85
CA CYS B 208 -7.05 11.39 -12.93
C CYS B 208 -6.55 12.49 -12.00
N GLN B 209 -6.77 12.32 -10.71
CA GLN B 209 -6.35 13.32 -9.73
C GLN B 209 -5.29 12.76 -8.81
N VAL B 210 -4.20 13.51 -8.63
CA VAL B 210 -3.17 13.07 -7.73
C VAL B 210 -3.00 14.10 -6.64
N GLN B 211 -3.34 13.69 -5.41
CA GLN B 211 -3.18 14.56 -4.25
C GLN B 211 -1.74 14.36 -3.79
N PHE B 212 -1.00 15.46 -3.74
CA PHE B 212 0.39 15.44 -3.30
C PHE B 212 0.49 16.12 -1.95
N TYR B 213 1.27 15.54 -1.05
CA TYR B 213 1.46 16.13 0.26
C TYR B 213 2.90 16.63 0.31
N GLY B 214 3.06 17.94 0.45
CA GLY B 214 4.40 18.49 0.47
C GLY B 214 4.61 19.50 1.58
N LEU B 215 5.18 20.63 1.23
CA LEU B 215 5.49 21.69 2.19
C LEU B 215 4.27 22.46 2.68
N SER B 216 4.40 23.04 3.87
CA SER B 216 3.34 23.82 4.47
C SER B 216 3.80 25.28 4.59
N GLU B 217 2.91 26.16 5.03
CA GLU B 217 3.24 27.57 5.17
C GLU B 217 4.42 27.81 6.12
N ASN B 218 4.59 26.91 7.09
CA ASN B 218 5.67 27.05 8.06
C ASN B 218 7.05 26.68 7.51
N ASP B 219 7.07 26.04 6.34
CA ASP B 219 8.33 25.65 5.72
C ASP B 219 8.89 26.80 4.91
N GLU B 220 10.19 27.05 5.03
CA GLU B 220 10.82 28.12 4.27
C GLU B 220 11.07 27.65 2.85
N TRP B 221 11.12 28.59 1.91
CA TRP B 221 11.38 28.24 0.52
C TRP B 221 12.19 29.35 -0.12
N THR B 222 13.37 29.01 -0.61
CA THR B 222 14.25 30.00 -1.23
C THR B 222 14.69 29.62 -2.63
N GLN B 223 13.96 28.71 -3.27
CA GLN B 223 14.29 28.29 -4.63
C GLN B 223 13.56 29.19 -5.60
N ASP B 224 13.98 29.16 -6.87
CA ASP B 224 13.36 30.00 -7.88
C ASP B 224 11.98 29.47 -8.30
N ARG B 225 11.83 28.15 -8.31
CA ARG B 225 10.58 27.51 -8.70
C ARG B 225 9.48 27.67 -7.65
N ALA B 226 8.24 27.40 -8.06
CA ALA B 226 7.09 27.50 -7.16
C ALA B 226 7.28 26.56 -5.97
N LYS B 227 6.89 27.02 -4.79
CA LYS B 227 7.01 26.21 -3.57
C LYS B 227 6.16 24.94 -3.76
N PRO B 228 6.76 23.76 -3.53
CA PRO B 228 6.06 22.48 -3.68
C PRO B 228 5.14 22.15 -2.50
N VAL B 229 4.06 22.92 -2.37
CA VAL B 229 3.11 22.73 -1.30
C VAL B 229 2.13 21.61 -1.60
N THR B 230 1.38 21.23 -0.57
CA THR B 230 0.35 20.22 -0.72
C THR B 230 -0.60 20.75 -1.79
N GLN B 231 -0.97 19.90 -2.73
CA GLN B 231 -1.80 20.34 -3.85
C GLN B 231 -2.29 19.14 -4.64
N ILE B 232 -3.27 19.37 -5.52
CA ILE B 232 -3.70 18.29 -6.39
C ILE B 232 -3.24 18.64 -7.80
N VAL B 233 -2.87 17.63 -8.56
CA VAL B 233 -2.46 17.82 -9.95
C VAL B 233 -3.30 16.79 -10.70
N SER B 234 -4.00 17.23 -11.74
CA SER B 234 -4.87 16.34 -12.48
C SER B 234 -4.61 16.35 -13.98
N ALA B 235 -5.12 15.32 -14.65
CA ALA B 235 -5.02 15.19 -16.10
C ALA B 235 -6.39 14.66 -16.54
N GLU B 236 -6.86 15.10 -17.71
CA GLU B 236 -8.18 14.69 -18.17
C GLU B 236 -8.23 14.14 -19.59
N ALA B 237 -9.37 13.52 -19.90
CA ALA B 237 -9.60 12.96 -21.22
C ALA B 237 -11.11 12.86 -21.41
N TRP B 238 -11.59 13.13 -22.61
CA TRP B 238 -13.02 13.02 -22.90
C TRP B 238 -13.26 11.80 -23.76
N GLY B 239 -14.44 11.22 -23.62
CA GLY B 239 -14.80 10.05 -24.41
C GLY B 239 -14.65 10.40 -25.88
N ARG B 240 -14.44 9.39 -26.71
CA ARG B 240 -14.24 9.60 -28.13
C ARG B 240 -14.99 8.56 -28.95
N ALA B 241 -15.75 9.03 -29.95
CA ALA B 241 -16.52 8.13 -30.79
C ALA B 241 -15.59 7.39 -31.76
N ASP B 242 -14.76 8.14 -32.48
CA ASP B 242 -13.83 7.57 -33.44
C ASP B 242 -14.53 6.76 -34.53
#